data_8CMG
#
_entry.id   8CMG
#
_cell.length_a   61.250
_cell.length_b   61.250
_cell.length_c   418.590
_cell.angle_alpha   90.000
_cell.angle_beta   90.000
_cell.angle_gamma   120.000
#
_symmetry.space_group_name_H-M   'P 65 2 2'
#
loop_
_entity.id
_entity.type
_entity.pdbx_description
1 polymer 'HLA class II histocompatibility antigen, DR alpha chain'
2 polymer 'Human leukocyte antigen DR beta chain allotype DR1 (DRB1*0101)'
3 polymer 'Non-structural protein 7'
4 non-polymer 1,2-ETHANEDIOL
5 non-polymer 'SULFATE ION'
6 water water
#
loop_
_entity_poly.entity_id
_entity_poly.type
_entity_poly.pdbx_seq_one_letter_code
_entity_poly.pdbx_strand_id
1 'polypeptide(L)'
;MIKEEHVIIQAEFYLNPDQSGEFMFDFDGDEIFHVDMAKKETVWRLEEFGRFASFEAQGALANIAVDKANLEIMTKRSNY
TPITNVPPEVTVLTNSPVELREPNVLICFIDKFTPPVVNVTWLRNGKPVTTGVSETVFLPREDHLFRKFHYLPFLPSTED
VYDCRVEHWGLDEPLLKHWEFDA
;
A
2 'polypeptide(L)'
;MGSMGDTRPRFLWQLKFECHFFNGTERVRLLERCIYNQEESVRFDSDVGEYRAVTELGRPDAEYWNSQKDLLEQRRAAVD
TYCRHNYGVGESFTVQRRVEPKVTVYPSKTQPLQHHNLLVCSVSGFYPGSIEVRWFRNGQEEKAGVVSTGLIQNGDWTFQ
TLVMLETVPRSGEVYTCQVEHPSVTSPLTVEWRA
;
B
3 'polypeptide(L)' LDAYNMMISAGFSLW C
#
loop_
_chem_comp.id
_chem_comp.type
_chem_comp.name
_chem_comp.formula
EDO non-polymer 1,2-ETHANEDIOL 'C2 H6 O2'
SO4 non-polymer 'SULFATE ION' 'O4 S -2'
#
# COMPACT_ATOMS: atom_id res chain seq x y z
N ILE A 2 18.57 -15.63 -1.93
CA ILE A 2 17.35 -15.85 -2.69
C ILE A 2 16.18 -15.28 -1.89
N LYS A 3 16.46 -15.05 -0.62
CA LYS A 3 15.42 -14.79 0.38
C LYS A 3 15.16 -13.28 0.48
N GLU A 4 14.09 -12.80 -0.17
CA GLU A 4 13.77 -11.37 -0.22
C GLU A 4 13.20 -10.92 1.12
N GLU A 5 13.93 -10.04 1.80
CA GLU A 5 13.51 -9.55 3.10
C GLU A 5 12.73 -8.24 2.97
N HIS A 6 13.22 -7.28 2.19
CA HIS A 6 12.51 -5.99 2.14
C HIS A 6 12.57 -5.39 0.74
N VAL A 7 11.56 -4.56 0.43
CA VAL A 7 11.51 -3.86 -0.84
C VAL A 7 11.13 -2.41 -0.59
N ILE A 8 11.93 -1.46 -1.11
CA ILE A 8 11.59 -0.04 -1.08
C ILE A 8 11.29 0.38 -2.51
N ILE A 9 10.13 1.01 -2.70
CA ILE A 9 9.73 1.49 -4.01
C ILE A 9 9.49 3.00 -3.99
N GLN A 10 10.11 3.68 -4.94
CA GLN A 10 9.79 5.06 -5.27
C GLN A 10 8.84 4.97 -6.45
N ALA A 11 7.59 5.36 -6.23
CA ALA A 11 6.55 5.25 -7.23
C ALA A 11 6.01 6.63 -7.55
N GLU A 12 5.97 6.95 -8.84
CA GLU A 12 5.47 8.25 -9.22
C GLU A 12 4.57 8.08 -10.44
N PHE A 13 3.64 9.02 -10.65
CA PHE A 13 2.84 8.96 -11.87
C PHE A 13 2.43 10.35 -12.32
N TYR A 14 2.07 10.45 -13.61
CA TYR A 14 1.42 11.64 -14.14
C TYR A 14 0.25 11.16 -15.00
N LEU A 15 -0.89 11.83 -14.86
CA LEU A 15 -2.12 11.46 -15.55
C LEU A 15 -2.65 12.66 -16.31
N ASN A 16 -2.92 12.45 -17.60
CA ASN A 16 -3.60 13.36 -18.49
C ASN A 16 -4.95 12.80 -18.84
N PRO A 17 -5.98 13.65 -19.06
CA PRO A 17 -5.88 15.13 -19.10
C PRO A 17 -6.03 15.80 -17.74
N ASP A 18 -6.13 14.98 -16.69
CA ASP A 18 -6.37 15.47 -15.33
C ASP A 18 -5.25 16.36 -14.83
N GLN A 19 -4.05 16.21 -15.39
CA GLN A 19 -2.84 16.92 -14.94
C GLN A 19 -2.58 16.63 -13.47
N SER A 20 -2.74 15.36 -13.10
CA SER A 20 -2.56 14.92 -11.72
CA SER A 20 -2.57 14.92 -11.72
C SER A 20 -1.27 14.12 -11.62
N GLY A 21 -0.47 14.43 -10.62
CA GLY A 21 0.73 13.65 -10.38
C GLY A 21 0.76 13.12 -8.97
N GLU A 22 1.70 12.24 -8.73
CA GLU A 22 1.95 11.64 -7.43
C GLU A 22 3.40 11.21 -7.34
N PHE A 23 3.94 11.28 -6.12
CA PHE A 23 5.32 10.86 -5.84
C PHE A 23 5.28 10.32 -4.41
N MET A 24 5.62 9.04 -4.23
CA MET A 24 5.59 8.43 -2.91
CA MET A 24 5.63 8.46 -2.90
C MET A 24 6.69 7.39 -2.83
N PHE A 25 7.04 7.02 -1.60
CA PHE A 25 7.93 5.91 -1.26
C PHE A 25 7.16 4.90 -0.44
N ASP A 26 7.41 3.62 -0.71
CA ASP A 26 6.73 2.47 -0.12
C ASP A 26 7.80 1.56 0.48
N PHE A 27 7.57 1.05 1.69
CA PHE A 27 8.43 0.06 2.33
C PHE A 27 7.58 -1.14 2.65
N ASP A 28 7.86 -2.28 2.02
CA ASP A 28 7.13 -3.53 2.27
C ASP A 28 5.62 -3.33 2.24
N GLY A 29 5.11 -2.50 1.33
CA GLY A 29 3.68 -2.32 1.17
C GLY A 29 3.07 -1.17 1.97
N ASP A 30 3.82 -0.54 2.85
CA ASP A 30 3.35 0.62 3.61
C ASP A 30 3.99 1.88 3.07
N GLU A 31 3.20 2.95 3.02
CA GLU A 31 3.70 4.23 2.54
C GLU A 31 4.64 4.83 3.58
N ILE A 32 5.85 5.23 3.15
CA ILE A 32 6.73 5.98 4.07
C ILE A 32 6.35 7.44 4.08
N PHE A 33 6.23 8.03 2.89
CA PHE A 33 5.84 9.42 2.70
C PHE A 33 5.36 9.60 1.27
N HIS A 34 4.67 10.73 1.06
CA HIS A 34 4.41 11.22 -0.30
C HIS A 34 4.67 12.71 -0.36
N VAL A 35 4.75 13.26 -1.57
CA VAL A 35 4.86 14.71 -1.73
C VAL A 35 3.48 15.26 -2.06
N ASP A 36 2.96 16.15 -1.19
CA ASP A 36 1.70 16.83 -1.49
C ASP A 36 1.95 17.80 -2.64
N MET A 37 1.23 17.58 -3.76
CA MET A 37 1.50 18.30 -5.00
C MET A 37 0.94 19.70 -4.98
N ALA A 38 -0.04 19.94 -4.13
CA ALA A 38 -0.63 21.25 -3.97
C ALA A 38 0.20 22.09 -3.00
N LYS A 39 0.43 21.57 -1.80
CA LYS A 39 1.23 22.28 -0.82
C LYS A 39 2.71 22.18 -1.15
N LYS A 40 3.08 21.24 -2.02
CA LYS A 40 4.48 21.01 -2.43
C LYS A 40 5.36 20.79 -1.21
N GLU A 41 5.00 19.76 -0.44
CA GLU A 41 5.79 19.48 0.76
C GLU A 41 5.76 17.98 1.02
N THR A 42 6.74 17.50 1.79
CA THR A 42 6.78 16.10 2.18
C THR A 42 5.75 15.82 3.28
N VAL A 43 4.98 14.75 3.11
CA VAL A 43 3.96 14.32 4.09
C VAL A 43 4.33 12.91 4.54
N TRP A 44 4.80 12.77 5.78
CA TRP A 44 5.19 11.47 6.31
C TRP A 44 3.95 10.68 6.72
N ARG A 45 3.90 9.38 6.36
CA ARG A 45 2.71 8.58 6.67
C ARG A 45 2.44 8.48 8.17
N LEU A 46 3.50 8.26 8.95
CA LEU A 46 3.46 8.42 10.40
C LEU A 46 4.23 9.68 10.76
N GLU A 47 3.60 10.59 11.54
CA GLU A 47 4.23 11.89 11.77
C GLU A 47 5.64 11.76 12.34
N GLU A 48 5.89 10.73 13.15
CA GLU A 48 7.16 10.67 13.83
C GLU A 48 8.29 10.40 12.86
N PHE A 49 8.01 9.87 11.68
CA PHE A 49 9.07 9.62 10.70
C PHE A 49 9.85 10.90 10.42
N GLY A 50 9.13 12.04 10.44
CA GLY A 50 9.76 13.33 10.22
C GLY A 50 10.76 13.74 11.29
N ARG A 51 10.78 13.06 12.43
CA ARG A 51 11.79 13.28 13.45
C ARG A 51 13.01 12.38 13.25
N PHE A 52 12.93 11.41 12.33
CA PHE A 52 13.98 10.42 12.12
C PHE A 52 14.71 10.57 10.79
N ALA A 53 14.06 11.14 9.79
CA ALA A 53 14.68 11.25 8.46
C ALA A 53 14.12 12.50 7.77
N SER A 54 14.75 12.89 6.68
CA SER A 54 14.29 14.01 5.87
C SER A 54 14.16 13.58 4.41
N PHE A 55 13.50 14.45 3.62
CA PHE A 55 13.38 14.26 2.18
C PHE A 55 13.16 15.62 1.55
N GLU A 56 13.83 15.89 0.42
CA GLU A 56 13.71 17.19 -0.21
C GLU A 56 12.67 17.13 -1.34
N ALA A 57 11.51 17.75 -1.11
CA ALA A 57 10.41 17.59 -2.04
C ALA A 57 10.64 18.27 -3.39
N GLN A 58 11.56 19.24 -3.46
CA GLN A 58 11.78 19.99 -4.70
C GLN A 58 12.20 19.05 -5.83
N GLY A 59 13.00 18.04 -5.49
CA GLY A 59 13.47 17.09 -6.53
C GLY A 59 12.32 16.21 -7.01
N ALA A 60 11.39 15.87 -6.10
CA ALA A 60 10.19 15.15 -6.52
C ALA A 60 9.41 15.95 -7.55
N LEU A 61 9.20 17.26 -7.28
CA LEU A 61 8.45 18.06 -8.24
C LEU A 61 9.15 18.16 -9.61
N ALA A 62 10.49 18.22 -9.60
CA ALA A 62 11.20 18.23 -10.88
C ALA A 62 11.00 16.92 -11.65
N ASN A 63 11.01 15.78 -10.92
CA ASN A 63 10.72 14.51 -11.59
C ASN A 63 9.36 14.56 -12.24
N ILE A 64 8.37 15.13 -11.53
CA ILE A 64 7.03 15.19 -12.10
C ILE A 64 7.04 15.96 -13.41
N ALA A 65 7.84 17.03 -13.51
CA ALA A 65 7.93 17.74 -14.80
C ALA A 65 8.42 16.81 -15.92
N VAL A 66 9.44 15.99 -15.62
CA VAL A 66 9.97 15.08 -16.64
C VAL A 66 8.93 14.01 -16.96
N ASP A 67 8.22 13.52 -15.93
CA ASP A 67 7.20 12.49 -16.15
C ASP A 67 6.09 13.00 -17.06
N LYS A 68 5.66 14.23 -16.87
CA LYS A 68 4.62 14.80 -17.72
C LYS A 68 5.11 14.87 -19.16
N ALA A 69 6.36 15.32 -19.37
CA ALA A 69 6.86 15.37 -20.74
C ALA A 69 6.92 13.97 -21.35
N ASN A 70 7.44 13.00 -20.59
CA ASN A 70 7.53 11.63 -21.09
C ASN A 70 6.15 11.07 -21.42
N LEU A 71 5.18 11.30 -20.54
CA LEU A 71 3.83 10.84 -20.81
C LEU A 71 3.36 11.37 -22.13
N GLU A 72 3.57 12.66 -22.39
CA GLU A 72 3.06 13.22 -23.64
C GLU A 72 3.74 12.57 -24.86
N ILE A 73 5.05 12.33 -24.76
CA ILE A 73 5.75 11.64 -25.85
C ILE A 73 5.18 10.23 -26.06
N MET A 74 4.87 9.55 -24.96
CA MET A 74 4.47 8.15 -25.03
C MET A 74 3.05 8.05 -25.55
N THR A 75 2.18 8.98 -25.12
CA THR A 75 0.83 9.07 -25.66
C THR A 75 0.83 9.26 -27.18
N LYS A 76 1.65 10.19 -27.69
CA LYS A 76 1.76 10.34 -29.14
C LYS A 76 2.30 9.06 -29.79
N ARG A 77 3.32 8.44 -29.18
CA ARG A 77 3.94 7.27 -29.83
C ARG A 77 2.97 6.10 -29.91
N SER A 78 2.05 5.99 -28.93
CA SER A 78 1.10 4.89 -28.93
C SER A 78 -0.09 5.14 -29.84
N ASN A 79 -0.06 6.23 -30.63
CA ASN A 79 -1.22 6.66 -31.41
C ASN A 79 -2.41 6.98 -30.51
N TYR A 80 -2.12 7.61 -29.37
CA TYR A 80 -3.15 8.06 -28.45
C TYR A 80 -4.03 6.89 -27.99
N THR A 81 -3.38 5.80 -27.63
CA THR A 81 -4.09 4.69 -27.02
C THR A 81 -4.41 5.03 -25.58
N PRO A 82 -5.69 5.11 -25.20
CA PRO A 82 -6.07 5.49 -23.83
C PRO A 82 -6.06 4.27 -22.93
N ILE A 83 -6.05 4.54 -21.62
CA ILE A 83 -5.99 3.47 -20.66
C ILE A 83 -7.34 2.74 -20.64
N THR A 84 -7.30 1.45 -20.33
CA THR A 84 -8.52 0.69 -20.14
C THR A 84 -8.90 0.78 -18.67
N ASN A 85 -10.15 1.20 -18.38
CA ASN A 85 -10.57 1.30 -17.00
C ASN A 85 -10.64 -0.08 -16.38
N VAL A 86 -10.13 -0.19 -15.16
CA VAL A 86 -10.26 -1.40 -14.36
C VAL A 86 -11.00 -1.00 -13.09
N PRO A 87 -12.19 -1.52 -12.82
CA PRO A 87 -12.99 -1.02 -11.68
C PRO A 87 -12.44 -1.50 -10.34
N PRO A 88 -12.64 -0.72 -9.27
CA PRO A 88 -12.18 -1.13 -7.95
C PRO A 88 -13.00 -2.24 -7.32
N GLU A 89 -12.33 -2.99 -6.46
CA GLU A 89 -13.02 -3.83 -5.50
C GLU A 89 -12.87 -3.20 -4.11
N VAL A 90 -13.93 -3.28 -3.33
CA VAL A 90 -14.05 -2.45 -2.13
C VAL A 90 -14.32 -3.36 -0.94
N THR A 91 -13.61 -3.11 0.16
CA THR A 91 -13.76 -3.84 1.42
C THR A 91 -13.92 -2.81 2.54
N VAL A 92 -14.89 -3.02 3.43
CA VAL A 92 -15.01 -2.17 4.61
C VAL A 92 -14.64 -3.02 5.81
N LEU A 93 -13.79 -2.50 6.68
CA LEU A 93 -13.44 -3.22 7.89
C LEU A 93 -13.32 -2.21 9.02
N THR A 94 -12.97 -2.70 10.21
CA THR A 94 -12.69 -1.78 11.32
C THR A 94 -11.29 -1.99 11.88
N ASN A 95 -10.81 -0.93 12.55
CA ASN A 95 -9.47 -0.98 13.14
C ASN A 95 -9.38 -2.10 14.17
N SER A 96 -10.43 -2.33 14.95
CA SER A 96 -10.40 -3.37 15.98
C SER A 96 -11.83 -3.85 16.18
N PRO A 97 -12.03 -4.95 16.92
CA PRO A 97 -13.39 -5.50 17.07
C PRO A 97 -14.30 -4.44 17.67
N VAL A 98 -15.51 -4.33 17.16
CA VAL A 98 -16.35 -3.20 17.56
C VAL A 98 -17.04 -3.48 18.89
N GLU A 99 -17.12 -2.43 19.71
CA GLU A 99 -17.82 -2.47 20.99
C GLU A 99 -18.72 -1.25 21.06
N LEU A 100 -19.90 -1.42 21.60
CA LEU A 100 -20.87 -0.33 21.71
C LEU A 100 -20.24 0.92 22.33
N ARG A 101 -20.31 2.03 21.59
CA ARG A 101 -19.88 3.36 21.97
C ARG A 101 -18.41 3.44 22.34
N GLU A 102 -17.58 2.41 21.91
CA GLU A 102 -16.15 2.57 22.16
C GLU A 102 -15.51 3.06 20.89
N PRO A 103 -14.69 4.12 20.93
CA PRO A 103 -14.17 4.73 19.71
C PRO A 103 -13.40 3.72 18.86
N ASN A 104 -13.67 3.79 17.56
CA ASN A 104 -13.05 2.85 16.58
C ASN A 104 -12.86 3.61 15.29
N VAL A 105 -12.42 2.89 14.24
CA VAL A 105 -12.25 3.52 12.94
C VAL A 105 -12.81 2.56 11.88
N LEU A 106 -13.65 3.10 11.01
CA LEU A 106 -14.10 2.38 9.81
C LEU A 106 -13.04 2.60 8.76
N ILE A 107 -12.69 1.54 8.04
CA ILE A 107 -11.66 1.58 7.01
C ILE A 107 -12.32 1.16 5.73
N CYS A 108 -12.26 2.00 4.71
CA CYS A 108 -12.68 1.63 3.37
C CYS A 108 -11.42 1.39 2.54
N PHE A 109 -11.20 0.15 2.12
CA PHE A 109 -10.03 -0.25 1.34
C PHE A 109 -10.50 -0.48 -0.09
N ILE A 110 -9.95 0.29 -1.02
CA ILE A 110 -10.34 0.32 -2.42
C ILE A 110 -9.15 -0.20 -3.21
N ASP A 111 -9.36 -1.22 -4.03
CA ASP A 111 -8.22 -2.02 -4.51
C ASP A 111 -8.38 -2.36 -5.99
N LYS A 112 -7.24 -2.62 -6.65
CA LYS A 112 -7.23 -3.25 -7.98
C LYS A 112 -7.92 -2.38 -9.04
N PHE A 113 -7.57 -1.11 -9.08
CA PHE A 113 -8.22 -0.23 -10.04
C PHE A 113 -7.24 0.68 -10.76
N THR A 114 -7.65 1.14 -11.94
CA THR A 114 -6.91 2.18 -12.64
C THR A 114 -7.87 2.81 -13.64
N PRO A 115 -7.67 4.08 -14.03
CA PRO A 115 -6.70 5.09 -13.61
C PRO A 115 -6.92 5.54 -12.17
N PRO A 116 -5.89 6.16 -11.58
CA PRO A 116 -5.93 6.60 -10.18
C PRO A 116 -6.77 7.87 -9.98
N VAL A 117 -8.08 7.75 -10.27
CA VAL A 117 -9.05 8.82 -10.00
C VAL A 117 -10.29 8.13 -9.47
N VAL A 118 -10.73 8.52 -8.27
CA VAL A 118 -11.85 7.82 -7.69
C VAL A 118 -12.59 8.82 -6.82
N ASN A 119 -13.89 8.62 -6.68
CA ASN A 119 -14.64 9.45 -5.74
C ASN A 119 -15.17 8.55 -4.63
N VAL A 120 -14.75 8.82 -3.38
CA VAL A 120 -15.10 7.97 -2.25
C VAL A 120 -15.83 8.84 -1.23
N THR A 121 -17.03 8.41 -0.85
CA THR A 121 -17.86 9.12 0.10
C THR A 121 -18.33 8.14 1.16
N TRP A 122 -18.17 8.50 2.43
CA TRP A 122 -18.81 7.77 3.52
C TRP A 122 -20.25 8.24 3.67
N LEU A 123 -21.18 7.30 3.85
CA LEU A 123 -22.58 7.59 4.12
C LEU A 123 -22.91 7.00 5.48
N ARG A 124 -23.53 7.79 6.34
CA ARG A 124 -24.07 7.31 7.61
C ARG A 124 -25.58 7.46 7.53
N ASN A 125 -26.32 6.36 7.74
CA ASN A 125 -27.76 6.32 7.53
C ASN A 125 -28.15 7.04 6.23
N GLY A 126 -27.39 6.78 5.17
CA GLY A 126 -27.68 7.38 3.88
C GLY A 126 -27.05 8.73 3.60
N LYS A 127 -26.50 9.41 4.63
CA LYS A 127 -26.12 10.82 4.50
C LYS A 127 -24.61 10.97 4.41
N PRO A 128 -24.11 11.81 3.51
CA PRO A 128 -22.65 11.94 3.35
C PRO A 128 -22.03 12.47 4.62
N VAL A 129 -20.92 11.86 5.02
CA VAL A 129 -20.07 12.35 6.10
C VAL A 129 -18.96 13.15 5.42
N THR A 130 -19.19 14.46 5.23
CA THR A 130 -18.28 15.30 4.47
C THR A 130 -17.02 15.69 5.24
N THR A 131 -16.95 15.47 6.55
CA THR A 131 -15.83 15.93 7.35
C THR A 131 -15.38 14.86 8.32
N GLY A 132 -14.09 14.84 8.62
CA GLY A 132 -13.52 13.91 9.56
C GLY A 132 -12.90 12.68 8.94
N VAL A 133 -12.80 12.62 7.63
CA VAL A 133 -12.33 11.42 6.95
C VAL A 133 -10.89 11.63 6.53
N SER A 134 -10.01 10.70 6.92
CA SER A 134 -8.64 10.68 6.42
C SER A 134 -8.59 9.81 5.17
N GLU A 135 -7.59 10.07 4.32
CA GLU A 135 -7.48 9.24 3.12
C GLU A 135 -6.01 9.20 2.70
N THR A 136 -5.60 8.07 2.13
CA THR A 136 -4.24 7.94 1.64
C THR A 136 -4.15 8.42 0.20
N VAL A 137 -2.91 8.58 -0.29
CA VAL A 137 -2.76 8.76 -1.73
C VAL A 137 -2.95 7.39 -2.39
N PHE A 138 -2.74 7.32 -3.71
CA PHE A 138 -2.90 6.06 -4.43
C PHE A 138 -1.66 5.19 -4.20
N LEU A 139 -1.84 3.99 -3.66
CA LEU A 139 -0.71 3.13 -3.35
C LEU A 139 -0.47 2.18 -4.52
N PRO A 140 0.79 1.88 -4.82
CA PRO A 140 1.08 1.05 -6.00
C PRO A 140 0.85 -0.44 -5.77
N ARG A 141 0.56 -1.13 -6.88
CA ARG A 141 0.42 -2.58 -6.92
C ARG A 141 1.39 -3.12 -7.95
N GLU A 142 1.81 -4.37 -7.76
CA GLU A 142 2.73 -5.00 -8.71
C GLU A 142 2.13 -5.20 -10.10
N ASP A 143 0.81 -5.28 -10.22
CA ASP A 143 0.15 -5.32 -11.51
C ASP A 143 -0.10 -3.93 -12.08
N HIS A 144 0.42 -2.90 -11.43
CA HIS A 144 0.40 -1.50 -11.84
C HIS A 144 -0.99 -0.91 -11.75
N LEU A 145 -1.92 -1.62 -11.12
CA LEU A 145 -3.14 -1.00 -10.61
C LEU A 145 -2.85 -0.23 -9.32
N PHE A 146 -3.89 0.27 -8.65
CA PHE A 146 -3.71 1.07 -7.44
C PHE A 146 -4.60 0.56 -6.31
N ARG A 147 -4.24 1.00 -5.10
CA ARG A 147 -5.13 0.81 -3.95
C ARG A 147 -5.11 2.05 -3.09
N LYS A 148 -6.07 2.13 -2.14
CA LYS A 148 -6.25 3.37 -1.42
C LYS A 148 -7.02 3.04 -0.15
N PHE A 149 -6.73 3.76 0.94
CA PHE A 149 -7.45 3.62 2.21
C PHE A 149 -8.17 4.91 2.56
N HIS A 150 -9.41 4.80 3.04
CA HIS A 150 -10.10 5.94 3.63
C HIS A 150 -10.48 5.56 5.05
N TYR A 151 -10.42 6.53 5.99
CA TYR A 151 -10.59 6.22 7.39
C TYR A 151 -11.65 7.13 8.01
N LEU A 152 -12.55 6.55 8.81
CA LEU A 152 -13.59 7.32 9.48
C LEU A 152 -13.64 6.96 10.97
N PRO A 153 -13.09 7.80 11.85
CA PRO A 153 -13.28 7.60 13.29
C PRO A 153 -14.76 7.63 13.64
N PHE A 154 -15.20 6.76 14.55
CA PHE A 154 -16.63 6.71 14.83
C PHE A 154 -16.92 6.02 16.17
N LEU A 155 -18.17 6.21 16.61
CA LEU A 155 -18.64 5.52 17.80
C LEU A 155 -19.65 4.46 17.38
N PRO A 156 -19.37 3.17 17.53
CA PRO A 156 -20.30 2.15 17.02
C PRO A 156 -21.63 2.21 17.74
N SER A 157 -22.70 2.04 16.94
CA SER A 157 -24.06 2.05 17.43
C SER A 157 -24.93 1.24 16.48
N THR A 158 -25.95 0.57 17.01
CA THR A 158 -26.94 -0.07 16.15
C THR A 158 -27.86 0.93 15.51
N GLU A 159 -27.79 2.20 15.91
CA GLU A 159 -28.60 3.23 15.28
C GLU A 159 -28.04 3.69 13.94
N ASP A 160 -26.80 3.34 13.62
CA ASP A 160 -26.09 3.95 12.51
C ASP A 160 -25.61 2.83 11.59
N VAL A 161 -26.03 2.85 10.33
CA VAL A 161 -25.44 1.99 9.31
C VAL A 161 -24.53 2.85 8.46
N TYR A 162 -23.53 2.22 7.82
CA TYR A 162 -22.57 2.93 7.00
C TYR A 162 -22.49 2.30 5.62
N ASP A 163 -22.19 3.13 4.64
CA ASP A 163 -21.83 2.67 3.30
C ASP A 163 -20.60 3.43 2.88
N CYS A 164 -19.66 2.71 2.26
CA CYS A 164 -18.56 3.33 1.53
C CYS A 164 -18.99 3.35 0.07
N ARG A 165 -19.19 4.55 -0.45
CA ARG A 165 -19.73 4.82 -1.78
C ARG A 165 -18.56 5.22 -2.67
N VAL A 166 -18.34 4.44 -3.74
CA VAL A 166 -17.16 4.58 -4.58
C VAL A 166 -17.61 4.74 -6.03
N GLU A 167 -17.16 5.82 -6.66
CA GLU A 167 -17.37 6.10 -8.07
C GLU A 167 -16.06 5.96 -8.82
N HIS A 168 -16.14 5.33 -9.98
CA HIS A 168 -14.97 5.10 -10.82
C HIS A 168 -15.42 4.80 -12.24
N TRP A 169 -14.61 5.22 -13.21
CA TRP A 169 -15.02 5.10 -14.60
C TRP A 169 -15.23 3.64 -15.01
N GLY A 170 -14.53 2.70 -14.36
CA GLY A 170 -14.75 1.31 -14.68
C GLY A 170 -16.03 0.70 -14.13
N LEU A 171 -16.82 1.45 -13.35
CA LEU A 171 -18.04 0.93 -12.73
C LEU A 171 -19.25 1.37 -13.50
N ASP A 172 -20.24 0.48 -13.61
CA ASP A 172 -21.49 0.82 -14.28
C ASP A 172 -22.39 1.69 -13.42
N GLU A 173 -22.20 1.67 -12.11
CA GLU A 173 -22.97 2.49 -11.19
C GLU A 173 -22.15 2.64 -9.92
N PRO A 174 -22.47 3.61 -9.07
CA PRO A 174 -21.74 3.76 -7.81
C PRO A 174 -21.76 2.45 -7.04
N LEU A 175 -20.60 2.06 -6.52
CA LEU A 175 -20.46 0.85 -5.73
C LEU A 175 -20.64 1.19 -4.26
N LEU A 176 -21.58 0.53 -3.58
CA LEU A 176 -21.83 0.80 -2.16
C LEU A 176 -21.48 -0.42 -1.33
N LYS A 177 -20.46 -0.34 -0.49
CA LYS A 177 -20.19 -1.41 0.47
C LYS A 177 -20.76 -1.05 1.82
N HIS A 178 -21.67 -1.89 2.29
CA HIS A 178 -22.45 -1.67 3.51
C HIS A 178 -21.69 -2.20 4.71
N TRP A 179 -21.98 -1.63 5.89
CA TRP A 179 -21.40 -2.06 7.14
C TRP A 179 -22.41 -1.75 8.23
N GLU A 180 -22.67 -2.72 9.10
CA GLU A 180 -23.54 -2.50 10.24
C GLU A 180 -22.90 -3.09 11.49
N PHE A 181 -23.28 -2.54 12.65
CA PHE A 181 -22.85 -3.05 13.95
C PHE A 181 -23.86 -4.11 14.40
N ASP A 182 -23.41 -5.36 14.47
CA ASP A 182 -24.28 -6.48 14.85
C ASP A 182 -24.17 -6.77 16.34
N ALA A 183 -24.73 -5.85 17.14
CA ALA A 183 -24.76 -6.06 18.58
C ALA A 183 -25.71 -7.21 18.88
N SER B 3 -16.19 18.66 -13.68
CA SER B 3 -17.38 18.77 -14.54
C SER B 3 -18.12 17.44 -14.62
N MET B 4 -19.45 17.50 -14.73
CA MET B 4 -20.23 16.30 -15.00
C MET B 4 -20.00 15.84 -16.43
N GLY B 5 -20.24 14.56 -16.67
CA GLY B 5 -20.10 14.02 -18.02
C GLY B 5 -18.67 14.08 -18.55
N ASP B 6 -17.68 13.99 -17.67
CA ASP B 6 -16.28 13.91 -18.11
C ASP B 6 -15.96 12.47 -18.45
N THR B 7 -16.03 12.13 -19.75
CA THR B 7 -15.67 10.81 -20.23
C THR B 7 -14.44 10.83 -21.12
N ARG B 8 -13.59 11.85 -20.98
CA ARG B 8 -12.46 11.99 -21.88
C ARG B 8 -11.51 10.81 -21.69
N PRO B 9 -10.83 10.38 -22.75
CA PRO B 9 -9.80 9.34 -22.63
C PRO B 9 -8.70 9.74 -21.66
N ARG B 10 -8.21 8.78 -20.90
CA ARG B 10 -7.10 9.02 -19.97
C ARG B 10 -5.82 8.35 -20.45
N PHE B 11 -4.69 8.93 -20.06
CA PHE B 11 -3.37 8.47 -20.45
C PHE B 11 -2.47 8.55 -19.23
N LEU B 12 -1.93 7.40 -18.81
CA LEU B 12 -1.21 7.28 -17.53
C LEU B 12 0.23 6.87 -17.76
N TRP B 13 1.15 7.51 -17.04
CA TRP B 13 2.57 7.15 -17.07
C TRP B 13 3.05 6.98 -15.65
N GLN B 14 3.61 5.82 -15.36
CA GLN B 14 4.12 5.46 -14.05
C GLN B 14 5.60 5.14 -14.16
N LEU B 15 6.36 5.58 -13.18
CA LEU B 15 7.77 5.28 -13.06
C LEU B 15 7.98 4.69 -11.67
N LYS B 16 8.59 3.51 -11.62
CA LYS B 16 8.81 2.83 -10.34
C LYS B 16 10.28 2.48 -10.21
N PHE B 17 10.90 2.83 -9.11
CA PHE B 17 12.26 2.38 -8.82
C PHE B 17 12.16 1.47 -7.61
N GLU B 18 12.44 0.18 -7.79
CA GLU B 18 12.26 -0.82 -6.72
C GLU B 18 13.65 -1.29 -6.28
N CYS B 19 13.91 -1.18 -4.97
CA CYS B 19 15.14 -1.68 -4.37
C CYS B 19 14.79 -2.93 -3.58
N HIS B 20 15.31 -4.08 -4.01
CA HIS B 20 15.05 -5.36 -3.37
C HIS B 20 16.27 -5.77 -2.56
N PHE B 21 16.06 -6.12 -1.29
CA PHE B 21 17.12 -6.40 -0.35
C PHE B 21 16.98 -7.82 0.14
N PHE B 22 18.10 -8.54 0.13
CA PHE B 22 18.20 -9.93 0.53
C PHE B 22 19.33 -10.02 1.53
N ASN B 23 19.02 -10.58 2.70
CA ASN B 23 19.91 -10.71 3.84
C ASN B 23 20.53 -9.35 4.13
N GLY B 24 19.72 -8.46 4.70
CA GLY B 24 20.19 -7.13 5.04
C GLY B 24 20.36 -6.35 3.76
N THR B 25 21.57 -5.82 3.57
CA THR B 25 21.98 -5.22 2.31
C THR B 25 23.06 -6.03 1.60
N GLU B 26 23.23 -7.30 1.99
CA GLU B 26 24.29 -8.11 1.38
C GLU B 26 24.03 -8.27 -0.11
N ARG B 27 22.79 -8.63 -0.48
CA ARG B 27 22.40 -8.71 -1.88
C ARG B 27 21.31 -7.70 -2.18
N VAL B 28 21.52 -6.86 -3.20
CA VAL B 28 20.61 -5.77 -3.55
C VAL B 28 20.37 -5.76 -5.06
N ARG B 29 19.11 -5.56 -5.45
CA ARG B 29 18.70 -5.48 -6.86
C ARG B 29 17.79 -4.29 -7.11
N LEU B 30 18.15 -3.49 -8.11
CA LEU B 30 17.37 -2.32 -8.47
C LEU B 30 16.60 -2.64 -9.75
N LEU B 31 15.29 -2.40 -9.73
CA LEU B 31 14.47 -2.52 -10.93
C LEU B 31 13.81 -1.18 -11.16
N GLU B 32 14.15 -0.54 -12.27
CA GLU B 32 13.52 0.69 -12.71
C GLU B 32 12.53 0.32 -13.80
N ARG B 33 11.27 0.70 -13.60
CA ARG B 33 10.19 0.23 -14.45
C ARG B 33 9.40 1.42 -14.96
N CYS B 34 9.15 1.42 -16.26
CA CYS B 34 8.43 2.49 -16.92
C CYS B 34 7.13 1.87 -17.43
N ILE B 35 5.98 2.43 -17.03
CA ILE B 35 4.70 1.79 -17.31
C ILE B 35 3.78 2.81 -17.97
N TYR B 36 3.31 2.49 -19.17
CA TYR B 36 2.34 3.32 -19.89
C TYR B 36 0.97 2.66 -19.79
N ASN B 37 0.01 3.40 -19.21
CA ASN B 37 -1.30 2.85 -18.96
C ASN B 37 -1.20 1.68 -17.98
N GLN B 38 -1.40 0.44 -18.41
CA GLN B 38 -1.16 -0.63 -17.46
C GLN B 38 -0.08 -1.60 -17.95
N GLU B 39 0.78 -1.16 -18.87
CA GLU B 39 1.76 -2.07 -19.48
C GLU B 39 3.17 -1.53 -19.32
N GLU B 40 4.02 -2.29 -18.65
CA GLU B 40 5.42 -1.93 -18.52
C GLU B 40 6.10 -2.03 -19.88
N SER B 41 6.77 -0.96 -20.31
CA SER B 41 7.35 -0.89 -21.65
C SER B 41 8.86 -1.00 -21.71
N VAL B 42 9.57 -0.61 -20.64
CA VAL B 42 11.03 -0.66 -20.63
C VAL B 42 11.51 -0.69 -19.18
N ARG B 43 12.62 -1.39 -18.94
CA ARG B 43 13.13 -1.44 -17.58
C ARG B 43 14.64 -1.45 -17.54
N PHE B 44 15.17 -0.98 -16.41
CA PHE B 44 16.57 -1.17 -16.07
C PHE B 44 16.61 -2.14 -14.90
N ASP B 45 17.30 -3.25 -15.08
CA ASP B 45 17.51 -4.26 -14.05
C ASP B 45 19.00 -4.26 -13.73
N SER B 46 19.35 -4.02 -12.46
CA SER B 46 20.77 -3.94 -12.11
C SER B 46 21.49 -5.25 -12.30
N ASP B 47 20.76 -6.38 -12.32
CA ASP B 47 21.39 -7.66 -12.65
C ASP B 47 21.74 -7.74 -14.13
N VAL B 48 21.22 -6.84 -14.96
CA VAL B 48 21.59 -6.76 -16.39
C VAL B 48 22.58 -5.62 -16.63
N GLY B 49 22.28 -4.44 -16.10
CA GLY B 49 23.18 -3.32 -16.26
C GLY B 49 22.92 -2.42 -17.44
N GLU B 50 21.84 -2.65 -18.17
CA GLU B 50 21.38 -1.77 -19.23
C GLU B 50 19.87 -1.87 -19.35
N TYR B 51 19.28 -0.91 -20.07
CA TYR B 51 17.83 -0.93 -20.25
C TYR B 51 17.46 -2.01 -21.27
N ARG B 52 16.27 -2.60 -21.08
CA ARG B 52 15.73 -3.58 -22.01
C ARG B 52 14.28 -3.24 -22.29
N ALA B 53 13.89 -3.31 -23.55
CA ALA B 53 12.48 -3.14 -23.91
C ALA B 53 11.67 -4.31 -23.35
N VAL B 54 10.55 -3.98 -22.71
CA VAL B 54 9.61 -5.00 -22.27
C VAL B 54 8.51 -5.21 -23.30
N THR B 55 8.08 -4.14 -23.96
CA THR B 55 7.20 -4.20 -25.11
C THR B 55 7.87 -3.46 -26.26
N GLU B 56 7.35 -3.67 -27.46
CA GLU B 56 7.98 -3.03 -28.61
C GLU B 56 7.91 -1.52 -28.50
N LEU B 57 6.85 -0.99 -27.89
CA LEU B 57 6.71 0.44 -27.79
C LEU B 57 7.73 1.07 -26.82
N GLY B 58 8.43 0.27 -26.01
CA GLY B 58 9.54 0.78 -25.22
C GLY B 58 10.90 0.65 -25.90
N ARG B 59 10.96 0.02 -27.04
CA ARG B 59 12.26 -0.17 -27.70
C ARG B 59 13.00 1.16 -27.98
N PRO B 60 12.37 2.21 -28.51
CA PRO B 60 13.13 3.47 -28.70
C PRO B 60 13.84 3.95 -27.43
N ASP B 61 13.15 3.91 -26.30
CA ASP B 61 13.73 4.48 -25.09
C ASP B 61 14.90 3.66 -24.60
N ALA B 62 14.76 2.33 -24.61
CA ALA B 62 15.88 1.47 -24.25
C ALA B 62 17.08 1.79 -25.14
N GLU B 63 16.87 2.01 -26.44
CA GLU B 63 18.01 2.27 -27.31
C GLU B 63 18.67 3.62 -26.97
N TYR B 64 17.82 4.63 -26.79
CA TYR B 64 18.29 5.98 -26.50
C TYR B 64 19.01 6.03 -25.16
N TRP B 65 18.37 5.46 -24.13
CA TRP B 65 19.01 5.49 -22.83
C TRP B 65 20.28 4.67 -22.82
N ASN B 66 20.34 3.57 -23.59
CA ASN B 66 21.57 2.81 -23.54
C ASN B 66 22.71 3.51 -24.27
N SER B 67 22.42 4.60 -24.98
CA SER B 67 23.48 5.34 -25.65
C SER B 67 24.11 6.39 -24.73
N GLN B 68 23.60 6.54 -23.50
CA GLN B 68 24.04 7.57 -22.55
C GLN B 68 24.94 6.96 -21.47
N LYS B 69 26.24 7.26 -21.56
CA LYS B 69 27.17 6.72 -20.58
C LYS B 69 26.87 7.25 -19.18
N ASP B 70 26.50 8.54 -19.06
CA ASP B 70 26.27 9.09 -17.72
C ASP B 70 25.10 8.38 -17.04
N LEU B 71 23.96 8.31 -17.74
CA LEU B 71 22.76 7.66 -17.20
C LEU B 71 23.06 6.23 -16.79
N LEU B 72 23.72 5.47 -17.67
CA LEU B 72 23.96 4.08 -17.34
C LEU B 72 24.86 3.95 -16.13
N GLU B 73 25.93 4.77 -16.06
CA GLU B 73 26.83 4.68 -14.92
C GLU B 73 26.10 5.04 -13.64
N GLN B 74 25.21 6.01 -13.73
CA GLN B 74 24.46 6.41 -12.53
C GLN B 74 23.52 5.30 -12.07
N ARG B 75 22.82 4.68 -13.01
CA ARG B 75 21.94 3.57 -12.69
C ARG B 75 22.73 2.40 -12.13
N ARG B 76 23.90 2.10 -12.72
CA ARG B 76 24.71 0.97 -12.26
C ARG B 76 25.24 1.17 -10.86
N ALA B 77 25.44 2.44 -10.45
CA ALA B 77 25.93 2.73 -9.13
C ALA B 77 24.81 2.79 -8.09
N ALA B 78 23.56 2.77 -8.54
CA ALA B 78 22.46 3.14 -7.65
C ALA B 78 22.18 2.09 -6.57
N VAL B 79 22.55 0.81 -6.75
CA VAL B 79 22.38 -0.16 -5.66
C VAL B 79 23.11 0.33 -4.41
N ASP B 80 24.20 1.06 -4.59
CA ASP B 80 24.89 1.65 -3.45
C ASP B 80 24.38 3.05 -3.12
N THR B 81 24.32 3.94 -4.11
CA THR B 81 24.07 5.34 -3.80
C THR B 81 22.61 5.64 -3.49
N TYR B 82 21.72 4.75 -3.90
CA TYR B 82 20.29 4.92 -3.67
C TYR B 82 19.74 3.80 -2.79
N CYS B 83 19.80 2.55 -3.23
CA CYS B 83 19.18 1.44 -2.49
C CYS B 83 19.82 1.27 -1.12
N ARG B 84 21.14 0.99 -1.06
CA ARG B 84 21.75 0.80 0.26
C ARG B 84 21.65 2.06 1.12
N HIS B 85 21.75 3.24 0.50
CA HIS B 85 21.64 4.49 1.23
C HIS B 85 20.30 4.59 1.93
N ASN B 86 19.22 4.38 1.17
CA ASN B 86 17.89 4.56 1.75
C ASN B 86 17.58 3.46 2.75
N TYR B 87 18.13 2.26 2.54
CA TYR B 87 17.98 1.20 3.55
C TYR B 87 18.52 1.69 4.89
N GLY B 88 19.72 2.26 4.88
CA GLY B 88 20.30 2.74 6.13
C GLY B 88 19.53 3.92 6.71
N VAL B 89 19.06 4.82 5.85
CA VAL B 89 18.30 5.98 6.33
C VAL B 89 17.13 5.54 7.19
N GLY B 90 16.35 4.58 6.69
CA GLY B 90 15.13 4.21 7.38
C GLY B 90 15.21 3.00 8.27
N GLU B 91 16.40 2.40 8.44
CA GLU B 91 16.50 1.10 9.10
C GLU B 91 15.85 1.09 10.47
N SER B 92 16.10 2.12 11.28
CA SER B 92 15.69 2.03 12.69
C SER B 92 14.18 2.08 12.86
N PHE B 93 13.45 2.70 11.93
CA PHE B 93 12.01 2.89 12.14
C PHE B 93 11.17 2.17 11.09
N THR B 94 11.80 1.35 10.26
CA THR B 94 11.08 0.52 9.31
C THR B 94 11.43 -0.95 9.50
N VAL B 95 12.62 -1.31 9.02
CA VAL B 95 13.15 -2.67 9.18
C VAL B 95 13.05 -3.14 10.62
N GLN B 96 13.45 -2.27 11.58
CA GLN B 96 13.50 -2.59 13.00
C GLN B 96 12.23 -2.16 13.77
N ARG B 97 11.20 -1.72 13.07
CA ARG B 97 9.97 -1.33 13.76
C ARG B 97 9.33 -2.55 14.38
N ARG B 98 8.90 -2.43 15.65
CA ARG B 98 8.24 -3.54 16.34
C ARG B 98 7.10 -2.93 17.14
N VAL B 99 5.88 -3.40 16.87
CA VAL B 99 4.71 -2.95 17.61
C VAL B 99 3.99 -4.20 18.10
N GLU B 100 3.73 -4.27 19.42
CA GLU B 100 3.15 -5.44 20.04
C GLU B 100 1.65 -5.45 19.79
N PRO B 101 1.06 -6.60 19.44
CA PRO B 101 -0.39 -6.65 19.24
C PRO B 101 -1.13 -6.69 20.55
N LYS B 102 -2.39 -6.31 20.45
CA LYS B 102 -3.38 -6.51 21.49
C LYS B 102 -4.19 -7.77 21.14
N VAL B 103 -4.21 -8.73 22.05
CA VAL B 103 -4.87 -10.02 21.84
C VAL B 103 -6.11 -10.08 22.70
N THR B 104 -7.26 -10.31 22.08
CA THR B 104 -8.47 -10.61 22.82
C THR B 104 -9.11 -11.87 22.30
N VAL B 105 -9.91 -12.51 23.16
CA VAL B 105 -10.65 -13.71 22.78
C VAL B 105 -12.12 -13.52 23.12
N TYR B 106 -13.00 -13.86 22.17
CA TYR B 106 -14.42 -13.74 22.43
C TYR B 106 -15.18 -14.74 21.57
N PRO B 107 -16.33 -15.21 22.05
CA PRO B 107 -17.17 -16.10 21.25
C PRO B 107 -17.90 -15.31 20.18
N SER B 108 -18.09 -15.96 19.03
CA SER B 108 -18.89 -15.43 17.95
C SER B 108 -20.21 -16.16 18.04
N LYS B 109 -21.27 -15.42 18.37
CA LYS B 109 -22.63 -15.94 18.64
C LYS B 109 -22.59 -17.17 19.55
N ASN B 117 -20.08 -21.51 19.04
CA ASN B 117 -19.50 -22.60 18.24
C ASN B 117 -18.18 -22.15 17.60
N LEU B 118 -17.97 -20.83 17.55
CA LEU B 118 -16.78 -20.25 16.94
C LEU B 118 -16.12 -19.34 17.96
N LEU B 119 -14.89 -19.66 18.34
CA LEU B 119 -14.15 -18.81 19.26
C LEU B 119 -13.21 -17.94 18.43
N VAL B 120 -13.17 -16.64 18.70
CA VAL B 120 -12.37 -15.73 17.89
C VAL B 120 -11.17 -15.26 18.71
N CYS B 121 -9.95 -15.39 18.14
CA CYS B 121 -8.78 -14.74 18.69
C CYS B 121 -8.49 -13.54 17.80
N SER B 122 -8.69 -12.34 18.34
CA SER B 122 -8.39 -11.10 17.65
C SER B 122 -6.98 -10.64 18.02
N VAL B 123 -6.14 -10.39 17.01
CA VAL B 123 -4.76 -9.97 17.20
C VAL B 123 -4.60 -8.68 16.42
N SER B 124 -4.46 -7.57 17.12
CA SER B 124 -4.75 -6.27 16.55
C SER B 124 -3.53 -5.38 16.72
N GLY B 125 -3.16 -4.67 15.67
CA GLY B 125 -2.25 -3.56 15.80
C GLY B 125 -0.78 -3.94 15.83
N PHE B 126 -0.36 -4.98 15.09
CA PHE B 126 1.01 -5.43 15.25
C PHE B 126 1.87 -5.04 14.06
N TYR B 127 3.18 -5.04 14.30
CA TYR B 127 4.11 -4.85 13.17
C TYR B 127 5.43 -5.47 13.57
N PRO B 128 6.14 -6.16 12.67
CA PRO B 128 5.87 -6.49 11.26
C PRO B 128 4.80 -7.55 11.11
N GLY B 129 4.60 -7.96 9.86
CA GLY B 129 3.49 -8.85 9.55
C GLY B 129 3.68 -10.31 9.94
N SER B 130 4.92 -10.77 10.09
CA SER B 130 5.19 -12.16 10.42
C SER B 130 4.70 -12.47 11.83
N ILE B 131 3.79 -13.44 11.97
CA ILE B 131 3.12 -13.74 13.24
C ILE B 131 2.67 -15.19 13.23
N GLU B 132 2.67 -15.82 14.40
CA GLU B 132 2.14 -17.16 14.56
C GLU B 132 1.02 -17.08 15.60
N VAL B 133 -0.16 -17.59 15.25
CA VAL B 133 -1.33 -17.53 16.14
C VAL B 133 -1.90 -18.95 16.22
N ARG B 134 -1.84 -19.55 17.40
CA ARG B 134 -2.18 -20.96 17.54
C ARG B 134 -3.28 -21.11 18.59
N TRP B 135 -4.11 -22.13 18.41
CA TRP B 135 -5.21 -22.44 19.33
C TRP B 135 -4.90 -23.74 20.06
N PHE B 136 -5.24 -23.77 21.34
CA PHE B 136 -5.02 -24.93 22.18
C PHE B 136 -6.29 -25.22 22.97
N ARG B 137 -6.60 -26.49 23.15
CA ARG B 137 -7.70 -26.94 24.00
C ARG B 137 -7.10 -27.82 25.08
N ASN B 138 -7.15 -27.35 26.32
CA ASN B 138 -6.55 -28.06 27.46
C ASN B 138 -5.06 -28.36 27.20
N GLY B 139 -4.38 -27.46 26.49
CA GLY B 139 -2.99 -27.62 26.16
C GLY B 139 -2.71 -28.32 24.84
N GLN B 140 -3.67 -29.03 24.27
CA GLN B 140 -3.51 -29.73 23.01
C GLN B 140 -3.79 -28.78 21.84
N GLU B 141 -2.87 -28.71 20.88
CA GLU B 141 -3.09 -27.80 19.76
C GLU B 141 -4.25 -28.28 18.89
N GLU B 142 -5.09 -27.33 18.45
CA GLU B 142 -6.19 -27.61 17.53
C GLU B 142 -5.85 -27.04 16.15
N LYS B 143 -5.98 -27.87 15.10
CA LYS B 143 -5.64 -27.38 13.76
C LYS B 143 -6.77 -27.51 12.75
N ALA B 144 -7.52 -28.62 12.79
CA ALA B 144 -8.48 -28.96 11.74
C ALA B 144 -9.60 -27.92 11.62
N GLY B 145 -9.98 -27.31 12.72
CA GLY B 145 -11.13 -26.42 12.72
C GLY B 145 -10.77 -24.96 12.76
N VAL B 146 -9.58 -24.60 12.27
CA VAL B 146 -9.07 -23.24 12.40
C VAL B 146 -9.22 -22.53 11.07
N VAL B 147 -9.73 -21.29 11.12
CA VAL B 147 -9.85 -20.45 9.93
C VAL B 147 -9.49 -19.03 10.32
N SER B 148 -9.06 -18.23 9.34
CA SER B 148 -8.55 -16.90 9.65
C SER B 148 -9.03 -15.90 8.60
N THR B 149 -9.00 -14.61 8.98
CA THR B 149 -9.15 -13.56 7.97
C THR B 149 -7.96 -13.54 7.03
N GLY B 150 -6.84 -14.09 7.45
CA GLY B 150 -5.58 -13.78 6.78
C GLY B 150 -4.98 -12.55 7.42
N LEU B 151 -3.80 -12.18 6.93
CA LEU B 151 -3.10 -10.99 7.41
C LEU B 151 -3.70 -9.75 6.78
N ILE B 152 -4.21 -8.82 7.59
CA ILE B 152 -4.85 -7.63 7.09
C ILE B 152 -3.93 -6.45 7.34
N GLN B 153 -3.55 -5.74 6.25
CA GLN B 153 -2.74 -4.52 6.33
C GLN B 153 -3.70 -3.34 6.55
N ASN B 154 -3.54 -2.63 7.67
CA ASN B 154 -4.46 -1.52 7.93
C ASN B 154 -4.11 -0.25 7.18
N GLY B 155 -2.94 -0.20 6.52
CA GLY B 155 -2.53 1.01 5.84
C GLY B 155 -1.77 2.01 6.70
N ASP B 156 -1.66 1.76 8.01
CA ASP B 156 -1.07 2.71 8.94
C ASP B 156 0.12 2.10 9.64
N TRP B 157 0.86 1.21 8.94
CA TRP B 157 1.98 0.49 9.52
C TRP B 157 1.55 -0.37 10.70
N THR B 158 0.31 -0.85 10.68
CA THR B 158 -0.07 -1.95 11.56
C THR B 158 -0.84 -2.98 10.76
N PHE B 159 -0.86 -4.19 11.33
CA PHE B 159 -1.62 -5.32 10.82
C PHE B 159 -2.62 -5.77 11.87
N GLN B 160 -3.62 -6.52 11.40
CA GLN B 160 -4.48 -7.27 12.32
C GLN B 160 -4.88 -8.59 11.66
N THR B 161 -5.43 -9.49 12.47
CA THR B 161 -5.95 -10.74 11.98
C THR B 161 -6.96 -11.26 12.99
N LEU B 162 -7.90 -12.06 12.50
CA LEU B 162 -8.78 -12.87 13.36
C LEU B 162 -8.45 -14.32 13.06
N VAL B 163 -8.21 -15.10 14.10
CA VAL B 163 -7.93 -16.52 13.96
C VAL B 163 -8.98 -17.25 14.80
N MET B 164 -9.87 -17.96 14.12
CA MET B 164 -11.07 -18.51 14.72
C MET B 164 -11.02 -20.02 14.78
N LEU B 165 -11.64 -20.56 15.84
CA LEU B 165 -11.65 -21.99 16.09
C LEU B 165 -13.09 -22.47 16.20
N GLU B 166 -13.48 -23.43 15.35
CA GLU B 166 -14.80 -24.02 15.45
C GLU B 166 -14.78 -25.09 16.55
N THR B 167 -15.62 -24.94 17.57
CA THR B 167 -15.52 -25.87 18.69
C THR B 167 -16.89 -26.17 19.29
N VAL B 168 -16.99 -27.33 19.93
CA VAL B 168 -18.15 -27.69 20.75
C VAL B 168 -17.68 -27.60 22.20
N PRO B 169 -17.86 -26.44 22.83
CA PRO B 169 -17.26 -26.23 24.15
C PRO B 169 -17.95 -27.09 25.20
N ARG B 170 -17.14 -27.63 26.10
CA ARG B 170 -17.62 -28.46 27.19
C ARG B 170 -17.16 -27.86 28.51
N SER B 171 -18.02 -27.89 29.52
CA SER B 171 -17.69 -27.27 30.80
C SER B 171 -16.38 -27.86 31.34
N GLY B 172 -15.55 -26.98 31.91
CA GLY B 172 -14.25 -27.37 32.41
C GLY B 172 -13.12 -27.23 31.42
N GLU B 173 -13.44 -27.11 30.14
CA GLU B 173 -12.41 -26.97 29.12
C GLU B 173 -11.86 -25.54 29.15
N VAL B 174 -10.56 -25.43 28.89
CA VAL B 174 -9.88 -24.15 28.77
C VAL B 174 -9.23 -24.06 27.40
N TYR B 175 -9.62 -23.06 26.63
CA TYR B 175 -9.09 -22.81 25.31
C TYR B 175 -8.09 -21.67 25.40
N THR B 176 -6.93 -21.81 24.76
CA THR B 176 -5.91 -20.80 24.84
C THR B 176 -5.49 -20.37 23.44
N CYS B 177 -5.45 -19.06 23.21
CA CYS B 177 -4.92 -18.48 22.01
C CYS B 177 -3.51 -18.02 22.34
N GLN B 178 -2.53 -18.44 21.53
CA GLN B 178 -1.12 -18.15 21.77
C GLN B 178 -0.56 -17.41 20.58
N VAL B 179 0.12 -16.30 20.82
CA VAL B 179 0.66 -15.46 19.75
C VAL B 179 2.17 -15.37 19.92
N GLU B 180 2.91 -15.68 18.83
CA GLU B 180 4.35 -15.51 18.77
C GLU B 180 4.62 -14.44 17.72
N HIS B 181 5.41 -13.44 18.10
CA HIS B 181 5.64 -12.25 17.27
C HIS B 181 6.94 -11.60 17.68
N PRO B 182 7.70 -11.01 16.73
CA PRO B 182 9.02 -10.46 17.07
C PRO B 182 8.98 -9.35 18.11
N SER B 183 7.83 -8.72 18.36
CA SER B 183 7.75 -7.65 19.34
C SER B 183 7.84 -8.14 20.78
N VAL B 184 7.71 -9.46 21.03
CA VAL B 184 7.71 -9.98 22.39
C VAL B 184 8.69 -11.14 22.51
N THR B 185 9.31 -11.27 23.69
CA THR B 185 10.32 -12.30 23.89
C THR B 185 9.72 -13.62 24.34
N SER B 186 8.51 -13.61 24.89
CA SER B 186 7.78 -14.82 25.24
C SER B 186 6.39 -14.73 24.63
N PRO B 187 5.71 -15.86 24.45
CA PRO B 187 4.44 -15.83 23.72
C PRO B 187 3.37 -15.10 24.51
N LEU B 188 2.49 -14.41 23.81
CA LEU B 188 1.30 -13.83 24.43
C LEU B 188 0.23 -14.91 24.52
N THR B 189 -0.47 -15.02 25.66
CA THR B 189 -1.54 -16.02 25.74
C THR B 189 -2.81 -15.40 26.29
N VAL B 190 -3.96 -15.81 25.72
CA VAL B 190 -5.27 -15.44 26.27
C VAL B 190 -6.12 -16.70 26.39
N GLU B 191 -6.73 -16.88 27.55
CA GLU B 191 -7.55 -18.04 27.86
C GLU B 191 -9.03 -17.70 27.75
N TRP B 192 -9.83 -18.68 27.36
CA TRP B 192 -11.27 -18.62 27.43
C TRP B 192 -11.73 -19.90 28.07
N ARG B 193 -12.39 -19.78 29.23
CA ARG B 193 -12.89 -20.92 29.96
C ARG B 193 -14.40 -20.92 29.86
N ALA B 194 -14.98 -22.01 29.39
CA ALA B 194 -16.42 -22.10 29.58
C ALA B 194 -16.82 -23.39 30.26
N LEU C 1 19.20 15.56 10.09
CA LEU C 1 18.71 14.21 9.83
C LEU C 1 19.16 13.69 8.47
N ASP C 2 19.48 12.40 8.39
CA ASP C 2 19.77 11.77 7.11
C ASP C 2 18.54 11.83 6.19
N ALA C 3 18.81 12.03 4.89
CA ALA C 3 17.77 12.19 3.86
C ALA C 3 17.67 10.95 2.98
N TYR C 4 16.42 10.57 2.68
CA TYR C 4 16.18 9.65 1.56
C TYR C 4 16.66 10.28 0.28
N ASN C 5 17.40 9.52 -0.51
CA ASN C 5 17.76 9.91 -1.86
C ASN C 5 16.67 9.47 -2.83
N MET C 6 16.61 10.12 -3.97
CA MET C 6 15.67 9.78 -5.01
C MET C 6 16.39 9.59 -6.33
N MET C 7 15.83 8.70 -7.13
CA MET C 7 16.30 8.51 -8.52
C MET C 7 15.61 9.54 -9.40
N ILE C 8 16.34 10.10 -10.33
CA ILE C 8 15.80 11.15 -11.19
C ILE C 8 15.25 10.51 -12.46
N SER C 9 14.10 11.02 -12.93
CA SER C 9 13.48 10.46 -14.13
C SER C 9 14.40 10.70 -15.30
N ALA C 10 14.42 9.76 -16.22
CA ALA C 10 15.20 9.93 -17.44
C ALA C 10 14.28 10.46 -18.54
N GLY C 11 14.70 11.52 -19.23
CA GLY C 11 13.88 12.07 -20.29
C GLY C 11 13.92 11.20 -21.55
N PHE C 12 12.79 11.17 -22.26
CA PHE C 12 12.74 10.51 -23.55
C PHE C 12 13.48 11.35 -24.57
N SER C 13 13.78 10.75 -25.71
CA SER C 13 14.21 11.58 -26.81
C SER C 13 13.01 12.29 -27.40
N LEU C 14 13.14 13.60 -27.63
CA LEU C 14 12.10 14.31 -28.38
C LEU C 14 11.97 13.72 -29.78
N TRP C 15 13.09 13.57 -30.48
CA TRP C 15 13.11 13.04 -31.85
C TRP C 15 13.68 11.62 -31.87
C1 EDO D . 10.17 17.54 6.01
O1 EDO D . 9.99 16.64 7.14
C2 EDO D . 11.06 16.98 4.88
O2 EDO D . 12.33 16.50 5.37
C1 EDO E . 4.36 -2.19 -2.89
O1 EDO E . 3.14 -1.81 -2.19
C2 EDO E . 4.18 -3.07 -4.13
O2 EDO E . 3.46 -2.43 -5.18
C1 EDO F . -4.99 7.12 9.67
O1 EDO F . -4.05 6.06 9.72
C2 EDO F . -4.39 8.32 10.39
O2 EDO F . -3.14 8.66 9.78
C1 EDO G . -14.45 9.03 -12.24
O1 EDO G . -15.34 8.54 -11.24
C2 EDO G . -13.00 8.67 -11.92
O2 EDO G . -12.76 7.25 -11.99
C1 EDO H . -6.85 2.69 11.35
O1 EDO H . -6.00 1.50 11.32
C2 EDO H . -6.38 3.82 12.30
O2 EDO H . -5.09 4.36 11.88
C1 EDO I . -2.95 16.03 -8.19
O1 EDO I . -2.33 14.77 -7.84
C2 EDO I . -1.95 17.19 -8.35
O2 EDO I . -0.86 16.92 -9.27
C1 EDO J . -12.58 7.58 -19.30
O1 EDO J . -13.10 6.35 -19.85
C2 EDO J . -11.53 7.32 -18.22
O2 EDO J . -10.47 6.41 -18.59
C1 EDO K . 18.36 17.54 -3.48
O1 EDO K . 18.66 17.58 -2.07
C2 EDO K . 16.88 17.30 -3.76
O2 EDO K . 16.64 16.25 -4.70
S SO4 L . -3.69 -10.06 -4.64
O1 SO4 L . -2.55 -10.73 -4.02
O2 SO4 L . -3.50 -10.06 -6.08
O3 SO4 L . -3.78 -8.68 -4.19
O4 SO4 L . -4.89 -10.83 -4.32
S SO4 M . -29.98 10.00 11.17
O1 SO4 M . -28.71 9.56 10.61
O2 SO4 M . -31.04 9.78 10.19
O3 SO4 M . -30.29 9.26 12.40
O4 SO4 M . -29.88 11.42 11.48
C1 EDO N . -2.78 -14.79 9.94
O1 EDO N . -2.38 -15.47 11.14
C2 EDO N . -2.55 -15.79 8.82
O2 EDO N . -3.42 -16.87 9.18
C1 EDO O . 21.68 8.26 -6.35
O1 EDO O . 22.20 9.19 -7.30
C2 EDO O . 20.21 8.54 -6.11
O2 EDO O . 20.08 9.86 -5.58
C1 EDO P . 24.61 -4.97 -5.79
O1 EDO P . 25.86 -4.68 -5.12
C2 EDO P . 24.28 -6.45 -5.65
O2 EDO P . 24.41 -6.79 -4.26
C1 EDO Q . 26.72 -7.73 -14.19
O1 EDO Q . 26.68 -8.77 -13.20
C2 EDO Q . 25.79 -6.58 -13.83
O2 EDO Q . 26.49 -5.82 -12.83
C1 EDO R . -6.06 -6.43 3.82
O1 EDO R . -4.66 -6.57 3.48
C2 EDO R . -6.49 -4.97 3.92
O2 EDO R . -5.83 -4.23 2.90
C1 EDO S . 27.18 8.71 -12.01
O1 EDO S . 28.05 7.62 -11.65
C2 EDO S . 27.36 9.00 -13.49
O2 EDO S . 28.70 9.45 -13.70
C1 EDO T . 8.06 -7.25 -7.46
O1 EDO T . 9.03 -6.69 -8.39
C2 EDO T . 8.21 -6.74 -6.01
O2 EDO T . 7.39 -5.59 -5.74
S SO4 U . 9.90 -7.50 -26.99
O1 SO4 U . 10.67 -8.64 -26.47
O2 SO4 U . 10.06 -7.45 -28.44
O3 SO4 U . 8.50 -7.63 -26.66
O4 SO4 U . 10.42 -6.28 -26.39
S SO4 V . 28.83 -0.99 -21.54
O1 SO4 V . 28.87 -2.41 -21.26
O2 SO4 V . 29.43 -0.81 -22.87
O3 SO4 V . 27.44 -0.51 -21.50
O4 SO4 V . 29.63 -0.37 -20.50
C1 EDO W . 19.72 13.95 -2.75
O1 EDO W . 20.64 14.10 -3.86
C2 EDO W . 18.35 13.57 -3.30
O2 EDO W . 18.38 12.41 -4.15
#